data_2ZUL
#
_entry.id   2ZUL
#
_cell.length_a   50.852
_cell.length_b   80.072
_cell.length_c   93.632
_cell.angle_alpha   90.00
_cell.angle_beta   90.00
_cell.angle_gamma   90.00
#
_symmetry.space_group_name_H-M   'P 21 21 21'
#
loop_
_entity.id
_entity.type
_entity.pdbx_description
1 polymer 'Probable ribosomal RNA small subunit methyltransferase'
2 non-polymer S-ADENOSYLMETHIONINE
3 water water
#
_entity_poly.entity_id   1
_entity_poly.type   'polypeptide(L)'
_entity_poly.pdbx_seq_one_letter_code
;MSLTREAYHRLTPLPHPGGRLFIKPGARGYRDPVHDLLQKTVEPFGERALDLNPGVGWGSLPLEGRMAVERLETSRAAFR
CLTASGLQARLALPWEAAAGAYDLVVLALPAGRGTAYVQASLVAAARALRMGGRLYLAGDKNKGFERYFKEARALLGYGV
VVRREGPYRVALLEKEKEAPPLPSLWRAFSARILGAEYTFHHLPGVFSAGKVDPASLLLLEALQERLGPEGVRGRQVLDL
GAGYGALTLPLARMGAEVVGVEDDLASVLSLQKGLEANALKAQALHSDVDEALTEEARFDIIVTNPPFHVGGAVILDVAQ
AFVNVAAARLRPGGVFFLVSNPFLKYEPLLEEKFGAFQTLKVAEYKVLFAEKRGR
;
_entity_poly.pdbx_strand_id   A
#
loop_
_chem_comp.id
_chem_comp.type
_chem_comp.name
_chem_comp.formula
SAM non-polymer S-ADENOSYLMETHIONINE 'C15 H22 N6 O5 S'
#
# COMPACT_ATOMS: atom_id res chain seq x y z
N LEU A 3 -12.33 -5.75 -15.19
CA LEU A 3 -12.83 -4.45 -14.75
C LEU A 3 -12.47 -3.24 -15.60
N THR A 4 -13.40 -2.30 -15.73
CA THR A 4 -13.17 -1.08 -16.49
C THR A 4 -12.63 -0.03 -15.51
N ARG A 5 -12.55 1.22 -15.95
CA ARG A 5 -12.05 2.30 -15.10
C ARG A 5 -13.08 2.71 -14.04
N GLU A 6 -14.29 3.01 -14.49
CA GLU A 6 -15.37 3.42 -13.59
C GLU A 6 -15.67 2.30 -12.60
N ALA A 7 -15.57 1.05 -13.06
CA ALA A 7 -15.84 -0.09 -12.20
C ALA A 7 -14.79 -0.21 -11.10
N TYR A 8 -13.52 -0.02 -11.46
CA TYR A 8 -12.46 -0.11 -10.47
C TYR A 8 -12.59 0.97 -9.40
N HIS A 9 -12.93 2.19 -9.83
CA HIS A 9 -13.05 3.31 -8.90
C HIS A 9 -14.38 3.42 -8.17
N ARG A 10 -15.35 2.59 -8.54
CA ARG A 10 -16.66 2.66 -7.90
C ARG A 10 -16.67 2.14 -6.46
N LEU A 11 -17.38 2.86 -5.60
CA LEU A 11 -17.51 2.47 -4.20
C LEU A 11 -18.89 1.83 -4.10
N THR A 12 -18.95 0.60 -3.63
CA THR A 12 -20.23 -0.10 -3.52
C THR A 12 -20.60 -0.39 -2.06
N PRO A 13 -21.79 0.05 -1.62
CA PRO A 13 -22.19 -0.21 -0.24
C PRO A 13 -22.81 -1.60 -0.10
N LEU A 14 -22.32 -2.37 0.87
CA LEU A 14 -22.84 -3.71 1.11
C LEU A 14 -23.57 -3.68 2.44
N PRO A 15 -24.68 -4.44 2.54
CA PRO A 15 -25.46 -4.47 3.77
C PRO A 15 -24.96 -5.34 4.91
N HIS A 16 -25.28 -4.91 6.12
CA HIS A 16 -24.99 -5.64 7.34
C HIS A 16 -26.07 -5.18 8.32
N PRO A 17 -26.37 -6.00 9.33
CA PRO A 17 -27.40 -5.62 10.30
C PRO A 17 -27.21 -4.22 10.87
N GLY A 18 -28.18 -3.35 10.62
CA GLY A 18 -28.11 -2.00 11.14
C GLY A 18 -27.44 -0.96 10.27
N GLY A 19 -26.89 -1.35 9.13
CA GLY A 19 -26.24 -0.35 8.30
C GLY A 19 -25.69 -0.84 6.98
N ARG A 20 -24.68 -0.13 6.49
CA ARG A 20 -24.02 -0.47 5.23
C ARG A 20 -22.55 -0.09 5.33
N LEU A 21 -21.73 -0.71 4.50
CA LEU A 21 -20.31 -0.42 4.51
C LEU A 21 -19.83 -0.38 3.06
N PHE A 22 -19.14 0.68 2.69
CA PHE A 22 -18.62 0.82 1.33
C PHE A 22 -17.33 0.05 1.13
N ILE A 23 -17.22 -0.63 0.00
CA ILE A 23 -16.03 -1.37 -0.33
C ILE A 23 -15.73 -1.10 -1.80
N LYS A 24 -14.54 -1.47 -2.26
CA LYS A 24 -14.17 -1.26 -3.66
C LYS A 24 -12.98 -2.12 -4.00
N PRO A 25 -12.75 -2.35 -5.30
CA PRO A 25 -11.60 -3.17 -5.68
C PRO A 25 -10.34 -2.47 -5.16
N GLY A 26 -9.38 -3.26 -4.67
CA GLY A 26 -8.15 -2.67 -4.17
C GLY A 26 -8.15 -2.26 -2.71
N ALA A 27 -9.30 -2.35 -2.05
CA ALA A 27 -9.40 -1.98 -0.64
C ALA A 27 -9.52 -3.23 0.22
N ARG A 28 -8.58 -3.40 1.14
CA ARG A 28 -8.56 -4.57 2.02
C ARG A 28 -9.61 -4.48 3.13
N GLY A 29 -9.93 -5.62 3.74
CA GLY A 29 -10.89 -5.59 4.84
C GLY A 29 -12.20 -6.32 4.72
N TYR A 30 -12.63 -6.62 3.49
CA TYR A 30 -13.89 -7.32 3.31
C TYR A 30 -13.67 -8.77 2.88
N ARG A 31 -14.51 -9.65 3.42
CA ARG A 31 -14.42 -11.08 3.13
C ARG A 31 -13.05 -11.56 3.59
N ASP A 32 -12.50 -10.90 4.61
CA ASP A 32 -11.21 -11.28 5.14
C ASP A 32 -11.46 -11.99 6.47
N PRO A 33 -11.11 -13.28 6.55
CA PRO A 33 -11.29 -14.10 7.76
C PRO A 33 -10.79 -13.47 9.05
N VAL A 34 -9.65 -12.78 8.98
CA VAL A 34 -9.09 -12.16 10.18
C VAL A 34 -9.97 -11.00 10.64
N HIS A 35 -10.33 -10.11 9.72
CA HIS A 35 -11.18 -8.99 10.09
C HIS A 35 -12.55 -9.52 10.52
N ASP A 36 -13.03 -10.58 9.85
CA ASP A 36 -14.32 -11.16 10.20
C ASP A 36 -14.32 -11.70 11.63
N LEU A 37 -13.26 -12.39 12.01
CA LEU A 37 -13.20 -12.93 13.36
C LEU A 37 -13.18 -11.78 14.37
N LEU A 38 -12.48 -10.70 14.03
CA LEU A 38 -12.43 -9.53 14.92
C LEU A 38 -13.83 -8.97 15.13
N GLN A 39 -14.57 -8.82 14.04
CA GLN A 39 -15.92 -8.27 14.09
C GLN A 39 -16.85 -9.09 15.00
N LYS A 40 -16.55 -10.37 15.13
CA LYS A 40 -17.35 -11.26 15.98
C LYS A 40 -16.84 -11.30 17.42
N THR A 41 -15.67 -10.72 17.63
CA THR A 41 -15.05 -10.76 18.95
C THR A 41 -14.94 -9.45 19.73
N VAL A 42 -14.60 -8.37 19.05
CA VAL A 42 -14.42 -7.09 19.72
C VAL A 42 -15.65 -6.55 20.44
N GLU A 43 -15.43 -5.98 21.62
CA GLU A 43 -16.49 -5.37 22.41
C GLU A 43 -15.91 -4.14 23.08
N PRO A 44 -16.76 -3.15 23.39
CA PRO A 44 -16.33 -1.89 24.03
C PRO A 44 -15.61 -2.04 25.37
N PHE A 45 -14.68 -1.13 25.61
CA PHE A 45 -13.93 -1.05 26.86
C PHE A 45 -13.39 0.37 26.95
N GLY A 46 -13.80 1.10 27.97
CA GLY A 46 -13.33 2.47 28.11
C GLY A 46 -14.11 3.42 27.22
N GLU A 47 -13.49 4.54 26.90
CA GLU A 47 -14.14 5.56 26.08
C GLU A 47 -13.47 5.82 24.73
N ARG A 48 -12.17 5.54 24.63
CA ARG A 48 -11.42 5.81 23.41
C ARG A 48 -10.80 4.56 22.77
N ALA A 49 -11.22 4.27 21.54
CA ALA A 49 -10.70 3.11 20.82
C ALA A 49 -9.90 3.55 19.60
N LEU A 50 -8.95 2.71 19.21
CA LEU A 50 -8.09 3.00 18.06
C LEU A 50 -7.92 1.75 17.20
N ASP A 51 -8.20 1.89 15.90
CA ASP A 51 -8.05 0.76 14.97
C ASP A 51 -6.79 1.05 14.15
N LEU A 52 -5.75 0.21 14.31
CA LEU A 52 -4.48 0.39 13.62
C LEU A 52 -4.30 -0.31 12.26
N ASN A 53 -5.36 -0.91 11.75
CA ASN A 53 -5.34 -1.57 10.43
C ASN A 53 -6.81 -1.74 10.05
N PRO A 54 -7.49 -0.60 9.84
CA PRO A 54 -8.90 -0.48 9.48
C PRO A 54 -9.40 -1.19 8.24
N GLY A 55 -8.77 -0.93 7.09
CA GLY A 55 -9.27 -1.53 5.88
C GLY A 55 -10.60 -0.83 5.65
N VAL A 56 -11.62 -1.56 5.22
CA VAL A 56 -12.93 -0.95 5.00
C VAL A 56 -13.66 -0.71 6.33
N GLY A 57 -13.02 -1.10 7.43
CA GLY A 57 -13.58 -0.88 8.75
C GLY A 57 -14.53 -1.91 9.34
N TRP A 58 -14.50 -3.15 8.86
CA TRP A 58 -15.39 -4.18 9.37
C TRP A 58 -14.95 -4.76 10.72
N GLY A 59 -13.65 -4.95 10.89
CA GLY A 59 -13.15 -5.51 12.14
C GLY A 59 -13.51 -4.80 13.42
N SER A 60 -13.47 -3.46 13.42
CA SER A 60 -13.78 -2.70 14.62
C SER A 60 -15.19 -2.08 14.59
N LEU A 61 -15.97 -2.41 13.58
CA LEU A 61 -17.31 -1.85 13.45
C LEU A 61 -18.21 -2.03 14.67
N PRO A 62 -18.07 -3.12 15.42
CA PRO A 62 -18.93 -3.31 16.60
C PRO A 62 -18.79 -2.18 17.63
N LEU A 63 -17.69 -1.44 17.56
CA LEU A 63 -17.44 -0.36 18.50
C LEU A 63 -18.11 0.96 18.11
N GLU A 64 -18.37 1.12 16.81
CA GLU A 64 -18.98 2.34 16.28
C GLU A 64 -20.30 2.68 16.96
N GLY A 65 -20.39 3.91 17.46
CA GLY A 65 -21.61 4.34 18.12
C GLY A 65 -21.66 4.01 19.60
N ARG A 66 -20.73 3.17 20.05
CA ARG A 66 -20.70 2.75 21.45
C ARG A 66 -19.56 3.39 22.23
N MET A 67 -18.59 3.93 21.50
CA MET A 67 -17.44 4.61 22.09
C MET A 67 -16.76 5.41 20.98
N ALA A 68 -15.82 6.27 21.35
CA ALA A 68 -15.11 7.06 20.34
C ALA A 68 -14.18 6.11 19.62
N VAL A 69 -14.19 6.16 18.29
CA VAL A 69 -13.32 5.28 17.52
C VAL A 69 -12.49 6.04 16.50
N GLU A 70 -11.17 5.90 16.63
CA GLU A 70 -10.24 6.53 15.71
C GLU A 70 -9.73 5.42 14.81
N ARG A 71 -9.50 5.75 13.54
CA ARG A 71 -9.01 4.78 12.57
C ARG A 71 -7.86 5.39 11.79
N LEU A 72 -6.67 4.79 11.90
CA LEU A 72 -5.50 5.29 11.19
C LEU A 72 -5.31 4.41 9.96
N GLU A 73 -5.60 4.99 8.79
CA GLU A 73 -5.52 4.26 7.53
C GLU A 73 -4.39 4.74 6.61
N THR A 74 -3.68 3.79 6.03
CA THR A 74 -2.56 4.10 5.13
C THR A 74 -2.90 3.92 3.65
N SER A 75 -3.92 3.11 3.37
CA SER A 75 -4.33 2.85 1.99
C SER A 75 -5.35 3.87 1.51
N ARG A 76 -5.07 4.55 0.40
CA ARG A 76 -6.01 5.53 -0.11
C ARG A 76 -7.32 4.88 -0.54
N ALA A 77 -7.22 3.71 -1.18
CA ALA A 77 -8.41 2.98 -1.61
C ALA A 77 -9.31 2.72 -0.41
N ALA A 78 -8.71 2.23 0.68
CA ALA A 78 -9.47 1.95 1.88
C ALA A 78 -10.00 3.23 2.52
N PHE A 79 -9.21 4.29 2.50
CA PHE A 79 -9.63 5.56 3.09
C PHE A 79 -10.86 6.09 2.36
N ARG A 80 -10.91 5.90 1.04
CA ARG A 80 -12.07 6.37 0.28
C ARG A 80 -13.33 5.66 0.78
N CYS A 81 -13.20 4.37 1.07
CA CYS A 81 -14.32 3.58 1.57
C CYS A 81 -14.74 4.03 2.95
N LEU A 82 -13.78 4.17 3.86
CA LEU A 82 -14.10 4.62 5.22
C LEU A 82 -14.83 5.95 5.16
N THR A 83 -14.33 6.86 4.33
CA THR A 83 -14.94 8.18 4.16
C THR A 83 -16.37 8.07 3.67
N ALA A 84 -16.58 7.29 2.60
CA ALA A 84 -17.91 7.11 2.04
C ALA A 84 -18.86 6.49 3.07
N SER A 85 -18.32 5.65 3.95
CA SER A 85 -19.12 4.98 4.98
C SER A 85 -19.43 5.90 6.17
N GLY A 86 -18.85 7.09 6.17
CA GLY A 86 -19.07 8.04 7.24
C GLY A 86 -18.34 7.67 8.53
N LEU A 87 -17.32 6.84 8.41
CA LEU A 87 -16.56 6.41 9.58
C LEU A 87 -15.36 7.30 9.85
N GLN A 88 -15.25 7.76 11.08
CA GLN A 88 -14.13 8.62 11.50
C GLN A 88 -12.83 7.93 11.15
N ALA A 89 -11.99 8.60 10.36
CA ALA A 89 -10.70 8.03 9.97
C ALA A 89 -9.71 9.11 9.58
N ARG A 90 -8.43 8.82 9.77
CA ARG A 90 -7.36 9.76 9.43
C ARG A 90 -6.34 9.09 8.53
N LEU A 91 -5.78 9.87 7.62
CA LEU A 91 -4.74 9.34 6.75
C LEU A 91 -3.52 9.37 7.67
N ALA A 92 -3.13 8.21 8.19
CA ALA A 92 -2.01 8.17 9.11
C ALA A 92 -1.37 6.79 9.27
N LEU A 93 -0.10 6.81 9.64
CA LEU A 93 0.67 5.59 9.86
C LEU A 93 0.31 5.08 11.24
N PRO A 94 0.39 3.76 11.46
CA PRO A 94 0.06 3.20 12.77
C PRO A 94 0.83 3.86 13.90
N TRP A 95 2.13 4.05 13.68
CA TRP A 95 3.00 4.64 14.69
C TRP A 95 2.87 6.15 14.91
N GLU A 96 1.90 6.78 14.26
CA GLU A 96 1.68 8.21 14.45
C GLU A 96 0.61 8.38 15.53
N ALA A 97 0.14 7.25 16.07
CA ALA A 97 -0.87 7.27 17.12
C ALA A 97 -0.34 7.93 18.39
N ALA A 98 -1.16 8.75 19.02
CA ALA A 98 -0.81 9.45 20.26
C ALA A 98 -0.56 8.47 21.39
N ALA A 99 0.53 8.69 22.14
CA ALA A 99 0.91 7.81 23.24
C ALA A 99 0.00 7.91 24.46
N GLY A 100 -0.36 6.75 24.99
CA GLY A 100 -1.20 6.66 26.17
C GLY A 100 -2.55 7.35 26.10
N ALA A 101 -3.05 7.59 24.90
CA ALA A 101 -4.33 8.29 24.75
C ALA A 101 -5.54 7.41 24.47
N TYR A 102 -5.36 6.09 24.54
CA TYR A 102 -6.47 5.17 24.25
C TYR A 102 -6.68 4.08 25.29
N ASP A 103 -7.93 3.63 25.40
CA ASP A 103 -8.28 2.57 26.34
C ASP A 103 -8.32 1.22 25.64
N LEU A 104 -8.59 1.25 24.34
CA LEU A 104 -8.71 0.03 23.56
C LEU A 104 -8.11 0.17 22.17
N VAL A 105 -7.36 -0.85 21.75
CA VAL A 105 -6.77 -0.85 20.42
C VAL A 105 -7.17 -2.14 19.72
N VAL A 106 -7.54 -2.01 18.44
CA VAL A 106 -7.93 -3.14 17.62
C VAL A 106 -6.85 -3.24 16.53
N LEU A 107 -6.26 -4.41 16.39
CA LEU A 107 -5.21 -4.58 15.39
C LEU A 107 -5.21 -5.93 14.69
N ALA A 108 -5.64 -5.93 13.43
CA ALA A 108 -5.60 -7.12 12.63
C ALA A 108 -4.14 -7.11 12.16
N LEU A 109 -3.40 -8.18 12.43
CA LEU A 109 -1.99 -8.22 12.04
C LEU A 109 -1.79 -8.01 10.55
N PRO A 110 -1.03 -6.97 10.17
CA PRO A 110 -0.74 -6.66 8.77
C PRO A 110 0.42 -7.52 8.29
N ALA A 111 0.27 -8.83 8.46
CA ALA A 111 1.29 -9.81 8.10
C ALA A 111 1.83 -9.65 6.68
N GLY A 112 0.96 -9.28 5.75
CA GLY A 112 1.38 -9.11 4.37
C GLY A 112 2.37 -7.99 4.14
N ARG A 113 2.46 -7.06 5.08
CA ARG A 113 3.38 -5.93 4.97
C ARG A 113 4.79 -6.25 5.46
N GLY A 114 4.97 -7.42 6.06
CA GLY A 114 6.29 -7.80 6.54
C GLY A 114 6.50 -7.64 8.04
N THR A 115 7.51 -8.31 8.57
CA THR A 115 7.81 -8.26 10.00
C THR A 115 8.03 -6.85 10.56
N ALA A 116 8.85 -6.05 9.89
CA ALA A 116 9.13 -4.70 10.36
C ALA A 116 7.87 -3.88 10.55
N TYR A 117 6.98 -3.92 9.56
CA TYR A 117 5.74 -3.16 9.62
C TYR A 117 4.87 -3.68 10.75
N VAL A 118 4.81 -5.00 10.89
CA VAL A 118 4.02 -5.61 11.94
C VAL A 118 4.54 -5.17 13.32
N GLN A 119 5.85 -5.30 13.53
CA GLN A 119 6.43 -4.93 14.81
C GLN A 119 6.26 -3.44 15.12
N ALA A 120 6.30 -2.60 14.10
CA ALA A 120 6.13 -1.16 14.31
C ALA A 120 4.69 -0.94 14.76
N SER A 121 3.77 -1.72 14.20
CA SER A 121 2.35 -1.62 14.54
C SER A 121 2.11 -2.15 15.96
N LEU A 122 2.83 -3.20 16.34
CA LEU A 122 2.69 -3.76 17.69
C LEU A 122 3.17 -2.76 18.73
N VAL A 123 4.32 -2.14 18.50
CA VAL A 123 4.83 -1.17 19.47
C VAL A 123 3.93 0.06 19.50
N ALA A 124 3.38 0.43 18.35
CA ALA A 124 2.49 1.59 18.27
C ALA A 124 1.26 1.32 19.14
N ALA A 125 0.78 0.08 19.11
CA ALA A 125 -0.37 -0.32 19.90
C ALA A 125 -0.04 -0.23 21.38
N ALA A 126 1.11 -0.76 21.77
CA ALA A 126 1.54 -0.73 23.17
C ALA A 126 1.68 0.70 23.67
N ARG A 127 2.22 1.59 22.84
CA ARG A 127 2.40 2.99 23.22
C ARG A 127 1.08 3.77 23.24
N ALA A 128 0.18 3.47 22.31
CA ALA A 128 -1.10 4.15 22.23
C ALA A 128 -1.96 3.92 23.47
N LEU A 129 -1.86 2.74 24.04
CA LEU A 129 -2.64 2.40 25.22
C LEU A 129 -2.17 3.01 26.52
N ARG A 130 -3.14 3.35 27.37
CA ARG A 130 -2.85 3.87 28.69
C ARG A 130 -2.54 2.60 29.47
N MET A 131 -1.96 2.75 30.67
CA MET A 131 -1.68 1.57 31.47
C MET A 131 -3.04 0.96 31.76
N GLY A 132 -3.13 -0.37 31.69
CA GLY A 132 -4.39 -1.04 31.94
C GLY A 132 -5.27 -1.11 30.70
N GLY A 133 -4.77 -0.56 29.59
CA GLY A 133 -5.52 -0.57 28.35
C GLY A 133 -5.59 -1.96 27.75
N ARG A 134 -6.53 -2.17 26.83
CA ARG A 134 -6.71 -3.48 26.21
C ARG A 134 -6.43 -3.49 24.72
N LEU A 135 -5.93 -4.63 24.23
CA LEU A 135 -5.62 -4.80 22.83
C LEU A 135 -6.19 -6.08 22.25
N TYR A 136 -6.95 -5.93 21.16
CA TYR A 136 -7.50 -7.09 20.45
C TYR A 136 -6.55 -7.30 19.28
N LEU A 137 -5.87 -8.43 19.26
CA LEU A 137 -4.90 -8.75 18.21
C LEU A 137 -5.41 -9.97 17.43
N ALA A 138 -5.61 -9.80 16.12
CA ALA A 138 -6.12 -10.89 15.30
C ALA A 138 -5.13 -11.30 14.22
N GLY A 139 -5.15 -12.59 13.86
CA GLY A 139 -4.23 -13.05 12.84
C GLY A 139 -4.51 -14.45 12.31
N ASP A 140 -3.52 -14.98 11.60
CA ASP A 140 -3.58 -16.30 10.97
C ASP A 140 -2.38 -17.09 11.49
N LYS A 141 -2.64 -18.26 12.09
CA LYS A 141 -1.55 -19.08 12.61
C LYS A 141 -0.58 -19.47 11.50
N ASN A 142 -1.06 -19.46 10.26
CA ASN A 142 -0.22 -19.81 9.11
C ASN A 142 0.55 -18.59 8.63
N LYS A 143 0.21 -17.42 9.17
CA LYS A 143 0.86 -16.18 8.78
C LYS A 143 1.44 -15.41 9.98
N GLY A 144 2.17 -16.12 10.84
CA GLY A 144 2.82 -15.50 11.98
C GLY A 144 2.05 -15.14 13.25
N PHE A 145 0.79 -15.55 13.37
CA PHE A 145 0.05 -15.18 14.58
C PHE A 145 0.77 -15.49 15.89
N GLU A 146 1.19 -16.74 16.04
CA GLU A 146 1.86 -17.17 17.26
C GLU A 146 3.09 -16.34 17.61
N ARG A 147 3.94 -16.09 16.62
CA ARG A 147 5.15 -15.29 16.86
C ARG A 147 4.79 -13.89 17.35
N TYR A 148 3.88 -13.23 16.63
CA TYR A 148 3.50 -11.88 16.98
C TYR A 148 2.68 -11.77 18.26
N PHE A 149 1.89 -12.80 18.55
CA PHE A 149 1.09 -12.82 19.77
C PHE A 149 2.05 -12.92 20.95
N LYS A 150 3.08 -13.76 20.81
CA LYS A 150 4.06 -13.91 21.87
C LYS A 150 4.85 -12.61 22.02
N GLU A 151 5.13 -11.95 20.90
CA GLU A 151 5.85 -10.69 20.94
C GLU A 151 4.98 -9.62 21.59
N ALA A 152 3.67 -9.66 21.32
CA ALA A 152 2.75 -8.69 21.92
C ALA A 152 2.66 -8.92 23.43
N ARG A 153 2.66 -10.18 23.86
CA ARG A 153 2.60 -10.49 25.29
C ARG A 153 3.84 -9.93 25.97
N ALA A 154 4.99 -10.12 25.33
CA ALA A 154 6.26 -9.65 25.89
C ALA A 154 6.21 -8.13 26.09
N LEU A 155 5.58 -7.44 25.14
CA LEU A 155 5.46 -5.99 25.19
C LEU A 155 4.46 -5.47 26.23
N LEU A 156 3.32 -6.15 26.32
CA LEU A 156 2.25 -5.73 27.21
C LEU A 156 2.15 -6.47 28.54
N GLY A 157 2.32 -7.79 28.48
CA GLY A 157 2.22 -8.60 29.67
C GLY A 157 1.13 -9.65 29.45
N TYR A 158 -0.01 -9.46 30.11
CA TYR A 158 -1.13 -10.38 30.00
C TYR A 158 -1.69 -10.51 28.59
N GLY A 159 -2.03 -11.74 28.20
CA GLY A 159 -2.58 -11.99 26.90
C GLY A 159 -2.99 -13.43 26.70
N VAL A 160 -4.21 -13.66 26.21
CA VAL A 160 -4.71 -15.00 25.97
C VAL A 160 -5.57 -14.99 24.71
N VAL A 161 -5.70 -16.15 24.07
CA VAL A 161 -6.52 -16.24 22.87
C VAL A 161 -7.98 -16.23 23.33
N VAL A 162 -8.82 -15.45 22.66
CA VAL A 162 -10.21 -15.38 23.06
C VAL A 162 -11.19 -15.84 21.99
N ARG A 163 -10.68 -16.21 20.82
CA ARG A 163 -11.54 -16.69 19.75
C ARG A 163 -10.73 -17.39 18.67
N ARG A 164 -11.29 -18.47 18.14
CA ARG A 164 -10.64 -19.25 17.09
C ARG A 164 -11.66 -19.64 16.04
N GLU A 165 -11.20 -19.73 14.79
CA GLU A 165 -12.05 -20.15 13.69
C GLU A 165 -11.07 -20.63 12.63
N GLY A 166 -11.01 -21.94 12.45
CA GLY A 166 -10.06 -22.48 11.50
C GLY A 166 -8.68 -22.07 11.99
N PRO A 167 -7.81 -21.54 11.13
CA PRO A 167 -6.46 -21.12 11.52
C PRO A 167 -6.43 -19.69 12.05
N TYR A 168 -7.57 -19.01 11.98
CA TYR A 168 -7.67 -17.62 12.43
C TYR A 168 -7.85 -17.48 13.94
N ARG A 169 -7.22 -16.45 14.48
CA ARG A 169 -7.23 -16.22 15.92
C ARG A 169 -7.40 -14.76 16.32
N VAL A 170 -7.95 -14.56 17.52
CA VAL A 170 -8.09 -13.23 18.10
C VAL A 170 -7.64 -13.42 19.54
N ALA A 171 -6.73 -12.54 19.98
CA ALA A 171 -6.23 -12.60 21.35
C ALA A 171 -6.58 -11.27 22.01
N LEU A 172 -6.70 -11.31 23.33
CA LEU A 172 -7.00 -10.11 24.09
C LEU A 172 -5.86 -9.94 25.08
N LEU A 173 -5.21 -8.78 25.05
CA LEU A 173 -4.10 -8.52 25.95
C LEU A 173 -4.33 -7.24 26.76
N GLU A 174 -3.64 -7.12 27.88
CA GLU A 174 -3.76 -5.94 28.72
C GLU A 174 -2.37 -5.36 28.95
N LYS A 175 -2.25 -4.04 28.87
CA LYS A 175 -0.97 -3.38 29.09
C LYS A 175 -0.68 -3.32 30.60
N GLU A 176 0.26 -4.13 31.05
CA GLU A 176 0.62 -4.16 32.47
C GLU A 176 2.00 -3.55 32.70
N LYS A 177 2.73 -3.32 31.61
CA LYS A 177 4.07 -2.75 31.72
C LYS A 177 4.25 -1.57 30.79
N GLU A 178 5.20 -0.70 31.12
CA GLU A 178 5.48 0.47 30.31
C GLU A 178 5.96 0.06 28.93
N ALA A 179 5.48 0.76 27.92
CA ALA A 179 5.85 0.47 26.54
C ALA A 179 7.22 1.03 26.22
N PRO A 180 7.95 0.37 25.31
CA PRO A 180 9.29 0.81 24.92
C PRO A 180 9.17 1.94 23.91
N PRO A 181 10.29 2.65 23.64
CA PRO A 181 10.18 3.73 22.66
C PRO A 181 10.04 3.14 21.26
N LEU A 182 9.59 3.95 20.31
CA LEU A 182 9.43 3.49 18.94
C LEU A 182 10.80 3.17 18.37
N PRO A 183 10.97 2.00 17.74
CA PRO A 183 12.28 1.70 17.18
C PRO A 183 12.50 2.65 16.00
N SER A 184 13.75 2.85 15.59
CA SER A 184 14.00 3.73 14.45
C SER A 184 13.35 3.00 13.28
N LEU A 185 12.53 3.72 12.52
CA LEU A 185 11.83 3.09 11.41
C LEU A 185 12.39 3.40 10.02
N TRP A 186 13.17 4.47 9.91
CA TRP A 186 13.74 4.83 8.62
C TRP A 186 14.97 4.01 8.25
N ARG A 187 15.03 3.61 6.97
CA ARG A 187 16.15 2.85 6.45
C ARG A 187 16.62 3.60 5.21
N ALA A 188 17.85 3.34 4.78
CA ALA A 188 18.38 4.00 3.60
C ALA A 188 19.47 3.13 3.00
N PHE A 189 19.55 3.11 1.68
CA PHE A 189 20.57 2.32 1.00
C PHE A 189 20.98 3.04 -0.28
N SER A 190 22.22 2.83 -0.69
CA SER A 190 22.71 3.47 -1.91
C SER A 190 22.73 2.47 -3.05
N ALA A 191 22.54 2.97 -4.26
CA ALA A 191 22.55 2.14 -5.45
C ALA A 191 22.94 2.96 -6.66
N ARG A 192 23.55 2.31 -7.65
CA ARG A 192 23.95 2.97 -8.88
C ARG A 192 22.99 2.49 -9.96
N ILE A 193 22.30 3.45 -10.60
CA ILE A 193 21.36 3.13 -11.66
C ILE A 193 21.72 3.90 -12.91
N LEU A 194 21.97 3.17 -14.00
CA LEU A 194 22.32 3.78 -15.27
C LEU A 194 23.48 4.78 -15.11
N GLY A 195 24.51 4.37 -14.38
CA GLY A 195 25.68 5.22 -14.20
C GLY A 195 25.61 6.33 -13.17
N ALA A 196 24.48 6.49 -12.50
CA ALA A 196 24.34 7.54 -11.49
C ALA A 196 24.04 6.95 -10.12
N GLU A 197 24.49 7.64 -9.07
CA GLU A 197 24.27 7.19 -7.71
C GLU A 197 23.03 7.80 -7.06
N TYR A 198 22.31 6.98 -6.31
CA TYR A 198 21.10 7.41 -5.60
C TYR A 198 21.10 6.81 -4.21
N THR A 199 20.49 7.52 -3.27
CA THR A 199 20.37 7.02 -1.91
C THR A 199 18.87 7.01 -1.65
N PHE A 200 18.30 5.81 -1.59
CA PHE A 200 16.88 5.65 -1.36
C PHE A 200 16.57 5.60 0.13
N HIS A 201 15.44 6.17 0.51
CA HIS A 201 15.02 6.20 1.90
C HIS A 201 13.64 5.59 2.00
N HIS A 202 13.41 4.75 3.02
CA HIS A 202 12.09 4.15 3.15
C HIS A 202 11.74 3.69 4.56
N LEU A 203 10.43 3.67 4.81
CA LEU A 203 9.86 3.25 6.07
C LEU A 203 9.52 1.77 5.92
N PRO A 204 8.99 1.14 6.99
CA PRO A 204 8.65 -0.29 6.90
C PRO A 204 7.51 -0.57 5.92
N GLY A 205 7.47 -1.80 5.42
CA GLY A 205 6.41 -2.21 4.51
C GLY A 205 6.49 -1.91 3.04
N VAL A 206 7.46 -1.11 2.60
CA VAL A 206 7.57 -0.79 1.18
C VAL A 206 7.99 -1.98 0.34
N PHE A 207 7.63 -1.95 -0.93
CA PHE A 207 8.01 -3.01 -1.86
C PHE A 207 9.52 -2.92 -2.07
N SER A 208 10.18 -4.07 -2.14
CA SER A 208 11.63 -4.15 -2.36
C SER A 208 12.46 -3.30 -1.42
N ALA A 209 12.23 -3.44 -0.13
CA ALA A 209 12.99 -2.69 0.85
C ALA A 209 14.46 -3.10 0.82
N GLY A 210 15.34 -2.11 0.96
CA GLY A 210 16.77 -2.38 0.99
C GLY A 210 17.54 -2.58 -0.30
N LYS A 211 16.86 -2.66 -1.43
CA LYS A 211 17.55 -2.84 -2.70
C LYS A 211 16.65 -2.48 -3.88
N VAL A 212 17.27 -2.10 -4.99
CA VAL A 212 16.52 -1.76 -6.19
C VAL A 212 16.07 -3.08 -6.81
N ASP A 213 14.77 -3.24 -7.01
CA ASP A 213 14.26 -4.48 -7.58
C ASP A 213 14.80 -4.69 -8.99
N PRO A 214 15.25 -5.90 -9.31
CA PRO A 214 15.79 -6.24 -10.63
C PRO A 214 14.86 -5.87 -11.79
N ALA A 215 13.56 -6.03 -11.57
CA ALA A 215 12.57 -5.72 -12.62
C ALA A 215 12.55 -4.22 -12.93
N SER A 216 12.64 -3.40 -11.89
CA SER A 216 12.62 -1.95 -12.07
C SER A 216 13.82 -1.51 -12.87
N LEU A 217 14.98 -2.10 -12.57
CA LEU A 217 16.20 -1.76 -13.28
C LEU A 217 16.06 -2.13 -14.75
N LEU A 218 15.49 -3.31 -15.00
CA LEU A 218 15.30 -3.79 -16.36
C LEU A 218 14.43 -2.82 -17.15
N LEU A 219 13.39 -2.28 -16.51
CA LEU A 219 12.50 -1.34 -17.20
C LEU A 219 13.27 -0.07 -17.58
N LEU A 220 14.02 0.48 -16.64
CA LEU A 220 14.79 1.70 -16.90
C LEU A 220 15.83 1.47 -18.00
N GLU A 221 16.46 0.30 -18.01
CA GLU A 221 17.45 0.01 -19.04
C GLU A 221 16.77 -0.04 -20.41
N ALA A 222 15.59 -0.64 -20.48
CA ALA A 222 14.85 -0.74 -21.72
C ALA A 222 14.36 0.62 -22.17
N LEU A 223 13.93 1.45 -21.21
CA LEU A 223 13.44 2.78 -21.54
C LEU A 223 14.55 3.65 -22.12
N GLN A 224 15.72 3.61 -21.51
CA GLN A 224 16.84 4.40 -22.00
C GLN A 224 17.30 3.92 -23.37
N GLU A 225 17.20 2.62 -23.62
CA GLU A 225 17.61 2.06 -24.89
C GLU A 225 16.67 2.50 -26.01
N ARG A 226 15.40 2.66 -25.68
CA ARG A 226 14.38 3.06 -26.65
C ARG A 226 14.28 4.58 -26.85
N LEU A 227 14.47 5.34 -25.77
CA LEU A 227 14.34 6.80 -25.84
C LEU A 227 15.64 7.59 -25.70
N GLY A 228 16.69 6.94 -25.22
CA GLY A 228 17.95 7.62 -25.04
C GLY A 228 18.05 8.21 -23.65
N PRO A 229 19.26 8.54 -23.18
CA PRO A 229 19.48 9.12 -21.84
C PRO A 229 18.82 10.48 -21.60
N GLU A 230 18.48 11.19 -22.66
CA GLU A 230 17.82 12.50 -22.53
C GLU A 230 16.38 12.41 -23.03
N GLY A 231 15.97 11.21 -23.40
CA GLY A 231 14.63 10.97 -23.93
C GLY A 231 13.43 11.40 -23.11
N VAL A 232 13.58 11.55 -21.80
CA VAL A 232 12.44 11.95 -20.97
C VAL A 232 12.56 13.39 -20.49
N ARG A 233 13.63 14.07 -20.89
CA ARG A 233 13.83 15.44 -20.45
C ARG A 233 12.66 16.35 -20.85
N GLY A 234 12.08 17.01 -19.86
CA GLY A 234 10.96 17.92 -20.11
C GLY A 234 9.65 17.24 -20.43
N ARG A 235 9.60 15.92 -20.36
CA ARG A 235 8.38 15.19 -20.65
C ARG A 235 7.58 14.92 -19.39
N GLN A 236 6.26 14.83 -19.53
CA GLN A 236 5.39 14.55 -18.39
C GLN A 236 5.29 13.03 -18.24
N VAL A 237 5.70 12.54 -17.08
CA VAL A 237 5.71 11.11 -16.80
C VAL A 237 4.85 10.73 -15.60
N LEU A 238 4.10 9.65 -15.75
CA LEU A 238 3.27 9.14 -14.67
C LEU A 238 3.84 7.79 -14.28
N ASP A 239 4.18 7.64 -13.00
CA ASP A 239 4.73 6.39 -12.47
C ASP A 239 3.63 5.73 -11.64
N LEU A 240 3.02 4.69 -12.19
CA LEU A 240 1.93 3.98 -11.52
C LEU A 240 2.47 3.02 -10.46
N GLY A 241 2.20 3.32 -9.19
CA GLY A 241 2.69 2.50 -8.09
C GLY A 241 4.15 2.83 -7.90
N ALA A 242 4.43 4.09 -7.60
CA ALA A 242 5.79 4.59 -7.46
C ALA A 242 6.66 4.05 -6.34
N GLY A 243 6.04 3.56 -5.27
CA GLY A 243 6.82 3.03 -4.15
C GLY A 243 7.76 4.09 -3.60
N TYR A 244 8.96 3.70 -3.18
CA TYR A 244 9.90 4.67 -2.66
C TYR A 244 10.66 5.41 -3.76
N GLY A 245 10.30 5.14 -5.02
CA GLY A 245 10.91 5.84 -6.14
C GLY A 245 12.00 5.19 -6.97
N ALA A 246 12.01 3.86 -7.04
CA ALA A 246 13.03 3.16 -7.82
C ALA A 246 13.04 3.66 -9.26
N LEU A 247 11.85 3.96 -9.80
CA LEU A 247 11.72 4.46 -11.16
C LEU A 247 11.60 5.99 -11.16
N THR A 248 10.92 6.51 -10.15
CA THR A 248 10.68 7.94 -10.03
C THR A 248 11.93 8.80 -9.95
N LEU A 249 12.85 8.44 -9.06
CA LEU A 249 14.06 9.25 -8.90
C LEU A 249 14.92 9.30 -10.16
N PRO A 250 15.23 8.14 -10.76
CA PRO A 250 16.05 8.20 -11.98
C PRO A 250 15.39 9.03 -13.08
N LEU A 251 14.07 8.87 -13.25
CA LEU A 251 13.37 9.61 -14.28
C LEU A 251 13.41 11.12 -14.00
N ALA A 252 13.31 11.51 -12.73
CA ALA A 252 13.36 12.92 -12.36
C ALA A 252 14.77 13.45 -12.65
N ARG A 253 15.77 12.63 -12.29
CA ARG A 253 17.17 13.00 -12.52
C ARG A 253 17.44 13.17 -14.01
N MET A 254 16.72 12.40 -14.83
CA MET A 254 16.88 12.46 -16.27
C MET A 254 16.16 13.67 -16.86
N GLY A 255 15.54 14.47 -15.99
CA GLY A 255 14.87 15.68 -16.43
C GLY A 255 13.38 15.63 -16.68
N ALA A 256 12.74 14.50 -16.39
CA ALA A 256 11.30 14.40 -16.62
C ALA A 256 10.51 15.11 -15.53
N GLU A 257 9.28 15.48 -15.87
CA GLU A 257 8.36 16.12 -14.94
C GLU A 257 7.50 14.93 -14.53
N VAL A 258 7.87 14.33 -13.41
CA VAL A 258 7.22 13.12 -12.92
C VAL A 258 6.13 13.27 -11.88
N VAL A 259 5.09 12.47 -12.05
CA VAL A 259 3.97 12.41 -11.12
C VAL A 259 3.93 10.95 -10.71
N GLY A 260 4.16 10.69 -9.44
CA GLY A 260 4.10 9.32 -8.97
C GLY A 260 2.83 9.14 -8.18
N VAL A 261 2.09 8.07 -8.43
CA VAL A 261 0.87 7.80 -7.67
C VAL A 261 1.14 6.51 -6.90
N GLU A 262 0.78 6.52 -5.62
CA GLU A 262 1.03 5.38 -4.75
C GLU A 262 -0.08 5.29 -3.69
N ASP A 263 -0.64 4.09 -3.53
CA ASP A 263 -1.74 3.89 -2.59
C ASP A 263 -1.32 3.81 -1.13
N ASP A 264 -0.08 3.38 -0.89
CA ASP A 264 0.43 3.21 0.48
C ASP A 264 1.11 4.46 1.06
N LEU A 265 0.56 4.96 2.17
CA LEU A 265 1.11 6.15 2.80
C LEU A 265 2.59 6.02 3.17
N ALA A 266 2.99 4.88 3.74
CA ALA A 266 4.39 4.70 4.12
C ALA A 266 5.30 4.85 2.90
N SER A 267 4.84 4.32 1.77
CA SER A 267 5.61 4.40 0.53
C SER A 267 5.65 5.82 -0.02
N VAL A 268 4.54 6.55 0.14
CA VAL A 268 4.48 7.94 -0.34
C VAL A 268 5.49 8.78 0.42
N LEU A 269 5.54 8.61 1.74
CA LEU A 269 6.47 9.37 2.56
C LEU A 269 7.92 8.99 2.24
N SER A 270 8.12 7.73 1.89
CA SER A 270 9.45 7.24 1.54
C SER A 270 9.91 7.95 0.26
N LEU A 271 9.02 8.02 -0.72
CA LEU A 271 9.34 8.69 -1.99
C LEU A 271 9.70 10.15 -1.74
N GLN A 272 8.90 10.82 -0.91
CA GLN A 272 9.15 12.23 -0.62
C GLN A 272 10.51 12.45 0.03
N LYS A 273 10.89 11.60 0.98
CA LYS A 273 12.19 11.76 1.61
C LYS A 273 13.31 11.47 0.62
N GLY A 274 13.10 10.47 -0.24
CA GLY A 274 14.11 10.13 -1.22
C GLY A 274 14.36 11.28 -2.19
N LEU A 275 13.29 11.87 -2.68
CA LEU A 275 13.40 13.00 -3.60
C LEU A 275 14.20 14.13 -2.97
N GLU A 276 13.82 14.49 -1.76
CA GLU A 276 14.48 15.56 -1.03
C GLU A 276 15.98 15.25 -0.84
N ALA A 277 16.27 14.04 -0.38
CA ALA A 277 17.64 13.63 -0.13
C ALA A 277 18.55 13.65 -1.36
N ASN A 278 17.98 13.45 -2.53
CA ASN A 278 18.77 13.44 -3.76
C ASN A 278 18.64 14.72 -4.56
N ALA A 279 18.09 15.76 -3.92
CA ALA A 279 17.91 17.05 -4.58
C ALA A 279 17.13 16.90 -5.88
N LEU A 280 16.03 16.16 -5.83
CA LEU A 280 15.19 15.94 -7.00
C LEU A 280 13.78 16.41 -6.69
N LYS A 281 13.02 16.77 -7.72
CA LYS A 281 11.66 17.24 -7.53
C LYS A 281 10.68 16.45 -8.40
N ALA A 282 9.61 15.97 -7.77
CA ALA A 282 8.57 15.23 -8.47
C ALA A 282 7.35 15.26 -7.57
N GLN A 283 6.18 14.96 -8.13
CA GLN A 283 4.97 14.95 -7.34
C GLN A 283 4.77 13.54 -6.78
N ALA A 284 4.75 13.44 -5.45
CA ALA A 284 4.56 12.16 -4.78
C ALA A 284 3.15 12.16 -4.23
N LEU A 285 2.22 11.64 -5.02
CA LEU A 285 0.83 11.62 -4.63
C LEU A 285 0.35 10.33 -3.96
N HIS A 286 -0.43 10.49 -2.91
CA HIS A 286 -1.03 9.37 -2.20
C HIS A 286 -2.33 9.23 -2.98
N SER A 287 -2.43 8.18 -3.78
CA SER A 287 -3.59 8.02 -4.63
C SER A 287 -3.91 6.56 -4.96
N ASP A 288 -5.21 6.27 -5.13
CA ASP A 288 -5.66 4.92 -5.50
C ASP A 288 -5.59 5.00 -7.02
N VAL A 289 -4.51 4.45 -7.58
CA VAL A 289 -4.25 4.50 -9.01
C VAL A 289 -4.27 5.98 -9.41
N ASP A 290 -5.12 6.38 -10.35
CA ASP A 290 -5.16 7.78 -10.79
C ASP A 290 -6.24 8.63 -10.12
N GLU A 291 -6.75 8.16 -9.00
CA GLU A 291 -7.79 8.88 -8.26
C GLU A 291 -7.46 10.35 -7.94
N ALA A 292 -6.20 10.62 -7.60
CA ALA A 292 -5.79 11.97 -7.24
C ALA A 292 -5.62 12.96 -8.39
N LEU A 293 -5.57 12.45 -9.61
CA LEU A 293 -5.38 13.30 -10.78
C LEU A 293 -6.65 13.98 -11.24
N THR A 294 -6.47 15.08 -11.97
CA THR A 294 -7.60 15.81 -12.51
C THR A 294 -8.13 14.93 -13.64
N GLU A 295 -9.36 15.19 -14.06
CA GLU A 295 -9.98 14.43 -15.13
C GLU A 295 -9.20 14.61 -16.44
N GLU A 296 -8.66 15.81 -16.64
CA GLU A 296 -7.94 16.14 -17.86
C GLU A 296 -6.45 15.79 -17.96
N ALA A 297 -5.82 15.47 -16.82
CA ALA A 297 -4.41 15.14 -16.80
C ALA A 297 -4.01 14.06 -17.82
N ARG A 298 -3.01 14.37 -18.65
CA ARG A 298 -2.50 13.44 -19.65
C ARG A 298 -0.98 13.42 -19.58
N PHE A 299 -0.36 12.38 -20.13
CA PHE A 299 1.09 12.24 -20.07
C PHE A 299 1.74 11.82 -21.38
N ASP A 300 3.04 12.01 -21.45
CA ASP A 300 3.83 11.65 -22.63
C ASP A 300 4.40 10.24 -22.46
N ILE A 301 4.70 9.90 -21.22
CA ILE A 301 5.26 8.59 -20.90
C ILE A 301 4.66 8.08 -19.59
N ILE A 302 4.35 6.79 -19.56
CA ILE A 302 3.82 6.18 -18.35
C ILE A 302 4.64 4.93 -18.10
N VAL A 303 5.08 4.73 -16.87
CA VAL A 303 5.90 3.57 -16.53
C VAL A 303 5.32 2.86 -15.33
N THR A 304 5.54 1.54 -15.24
CA THR A 304 5.03 0.81 -14.10
C THR A 304 5.58 -0.59 -13.91
N ASN A 305 5.76 -0.93 -12.64
CA ASN A 305 6.18 -2.26 -12.22
C ASN A 305 4.99 -2.49 -11.29
N PRO A 306 3.90 -3.04 -11.84
CA PRO A 306 2.66 -3.30 -11.09
C PRO A 306 2.76 -4.32 -9.98
N PRO A 307 1.87 -4.20 -8.97
CA PRO A 307 1.87 -5.14 -7.86
C PRO A 307 1.59 -6.53 -8.42
N PHE A 308 1.94 -7.57 -7.68
CA PHE A 308 1.72 -8.93 -8.14
C PHE A 308 1.72 -9.91 -6.98
N HIS A 309 1.12 -11.07 -7.19
CA HIS A 309 1.06 -12.11 -6.16
C HIS A 309 2.22 -13.08 -6.36
N VAL A 310 3.03 -13.25 -5.33
CA VAL A 310 4.18 -14.14 -5.41
C VAL A 310 3.74 -15.56 -5.77
N GLY A 311 4.33 -16.10 -6.84
CA GLY A 311 4.01 -17.45 -7.28
C GLY A 311 2.68 -17.56 -8.00
N GLY A 312 2.03 -16.42 -8.25
CA GLY A 312 0.75 -16.45 -8.93
C GLY A 312 0.87 -16.24 -10.42
N ALA A 313 -0.15 -16.64 -11.17
CA ALA A 313 -0.15 -16.49 -12.61
C ALA A 313 -1.36 -15.68 -13.07
N VAL A 314 -2.02 -15.03 -12.11
CA VAL A 314 -3.18 -14.21 -12.42
C VAL A 314 -2.89 -12.75 -12.11
N ILE A 315 -3.18 -11.89 -13.09
CA ILE A 315 -2.95 -10.45 -12.93
C ILE A 315 -3.95 -9.89 -11.92
N LEU A 316 -3.43 -9.15 -10.94
CA LEU A 316 -4.25 -8.55 -9.90
C LEU A 316 -5.16 -7.44 -10.41
N ASP A 317 -6.29 -7.25 -9.74
CA ASP A 317 -7.26 -6.20 -10.10
C ASP A 317 -6.59 -4.85 -10.29
N VAL A 318 -5.78 -4.46 -9.30
CA VAL A 318 -5.09 -3.19 -9.34
C VAL A 318 -4.15 -3.09 -10.54
N ALA A 319 -3.46 -4.18 -10.84
CA ALA A 319 -2.53 -4.21 -11.96
C ALA A 319 -3.27 -4.00 -13.28
N GLN A 320 -4.45 -4.64 -13.41
CA GLN A 320 -5.25 -4.47 -14.61
C GLN A 320 -5.68 -3.02 -14.75
N ALA A 321 -6.02 -2.40 -13.63
CA ALA A 321 -6.44 -1.00 -13.63
C ALA A 321 -5.28 -0.11 -14.05
N PHE A 322 -4.07 -0.50 -13.69
CA PHE A 322 -2.87 0.25 -14.07
C PHE A 322 -2.81 0.33 -15.59
N VAL A 323 -3.05 -0.81 -16.25
CA VAL A 323 -3.01 -0.86 -17.70
C VAL A 323 -4.13 -0.03 -18.32
N ASN A 324 -5.35 -0.20 -17.81
CA ASN A 324 -6.49 0.55 -18.32
C ASN A 324 -6.29 2.05 -18.17
N VAL A 325 -5.74 2.46 -17.04
CA VAL A 325 -5.49 3.88 -16.77
C VAL A 325 -4.36 4.39 -17.68
N ALA A 326 -3.35 3.56 -17.89
CA ALA A 326 -2.23 3.95 -18.75
C ALA A 326 -2.75 4.29 -20.15
N ALA A 327 -3.59 3.42 -20.69
CA ALA A 327 -4.14 3.63 -22.03
C ALA A 327 -4.99 4.90 -22.10
N ALA A 328 -5.71 5.19 -21.02
CA ALA A 328 -6.58 6.36 -20.99
C ALA A 328 -5.85 7.68 -20.73
N ARG A 329 -4.74 7.62 -19.99
CA ARG A 329 -3.96 8.81 -19.63
C ARG A 329 -2.85 9.21 -20.60
N LEU A 330 -2.54 8.37 -21.57
CA LEU A 330 -1.48 8.69 -22.52
C LEU A 330 -1.94 9.52 -23.71
N ARG A 331 -1.15 10.52 -24.06
CA ARG A 331 -1.44 11.37 -25.20
C ARG A 331 -1.13 10.57 -26.45
N PRO A 332 -1.80 10.86 -27.57
CA PRO A 332 -1.52 10.10 -28.79
C PRO A 332 -0.02 10.21 -29.09
N GLY A 333 0.61 9.08 -29.39
CA GLY A 333 2.04 9.08 -29.67
C GLY A 333 2.83 8.84 -28.39
N GLY A 334 2.14 8.90 -27.26
CA GLY A 334 2.80 8.67 -25.98
C GLY A 334 3.17 7.21 -25.85
N VAL A 335 4.09 6.89 -24.94
CA VAL A 335 4.53 5.52 -24.77
C VAL A 335 4.40 4.98 -23.35
N PHE A 336 4.12 3.68 -23.27
CA PHE A 336 3.91 2.97 -22.01
C PHE A 336 4.93 1.84 -21.82
N PHE A 337 5.57 1.82 -20.66
CA PHE A 337 6.55 0.78 -20.33
C PHE A 337 6.05 0.01 -19.11
N LEU A 338 5.98 -1.32 -19.22
CA LEU A 338 5.52 -2.15 -18.11
C LEU A 338 6.43 -3.37 -17.95
N VAL A 339 6.81 -3.67 -16.72
CA VAL A 339 7.67 -4.83 -16.46
C VAL A 339 6.95 -5.79 -15.53
N SER A 340 7.10 -7.09 -15.79
CA SER A 340 6.45 -8.09 -14.94
C SER A 340 7.16 -9.43 -15.02
N ASN A 341 6.82 -10.34 -14.12
CA ASN A 341 7.45 -11.64 -14.16
C ASN A 341 6.94 -12.33 -15.43
N PRO A 342 7.70 -13.30 -15.96
CA PRO A 342 7.34 -14.02 -17.18
C PRO A 342 5.96 -14.69 -17.20
N PHE A 343 5.46 -15.06 -16.02
CA PHE A 343 4.19 -15.75 -15.87
C PHE A 343 2.90 -14.94 -16.11
N LEU A 344 2.98 -13.63 -16.10
CA LEU A 344 1.77 -12.83 -16.27
C LEU A 344 1.39 -12.54 -17.72
N LYS A 345 0.14 -12.82 -18.05
CA LYS A 345 -0.36 -12.65 -19.41
C LYS A 345 -0.76 -11.23 -19.78
N TYR A 346 0.19 -10.31 -19.69
CA TYR A 346 -0.07 -8.92 -20.03
C TYR A 346 -0.22 -8.65 -21.52
N GLU A 347 0.38 -9.50 -22.36
CA GLU A 347 0.31 -9.31 -23.81
C GLU A 347 -1.09 -9.12 -24.36
N PRO A 348 -2.02 -10.05 -24.09
CA PRO A 348 -3.37 -9.84 -24.63
C PRO A 348 -4.09 -8.61 -24.06
N LEU A 349 -3.71 -8.20 -22.86
CA LEU A 349 -4.31 -7.02 -22.23
C LEU A 349 -3.84 -5.76 -22.95
N LEU A 350 -2.55 -5.68 -23.24
CA LEU A 350 -2.01 -4.54 -23.95
C LEU A 350 -2.54 -4.50 -25.36
N GLU A 351 -2.68 -5.67 -25.98
CA GLU A 351 -3.17 -5.74 -27.34
C GLU A 351 -4.59 -5.18 -27.38
N GLU A 352 -5.40 -5.53 -26.38
CA GLU A 352 -6.77 -5.08 -26.31
C GLU A 352 -6.90 -3.58 -26.03
N LYS A 353 -6.12 -3.10 -25.06
CA LYS A 353 -6.18 -1.69 -24.68
C LYS A 353 -5.46 -0.71 -25.58
N PHE A 354 -4.38 -1.16 -26.22
CA PHE A 354 -3.60 -0.29 -27.10
C PHE A 354 -3.72 -0.65 -28.57
N GLY A 355 -4.11 -1.89 -28.84
CA GLY A 355 -4.24 -2.33 -30.22
C GLY A 355 -3.02 -3.09 -30.70
N ALA A 356 -1.88 -2.87 -30.03
CA ALA A 356 -0.63 -3.54 -30.37
C ALA A 356 0.37 -3.28 -29.26
N PHE A 357 1.43 -4.08 -29.22
CA PHE A 357 2.45 -3.92 -28.19
C PHE A 357 3.74 -4.54 -28.69
N GLN A 358 4.82 -4.30 -27.95
CA GLN A 358 6.12 -4.85 -28.30
C GLN A 358 6.80 -5.35 -27.04
N THR A 359 7.70 -6.30 -27.19
CA THR A 359 8.44 -6.84 -26.06
C THR A 359 9.86 -6.32 -26.23
N LEU A 360 10.27 -5.44 -25.31
CA LEU A 360 11.60 -4.84 -25.38
C LEU A 360 12.70 -5.68 -24.76
N LYS A 361 12.34 -6.50 -23.77
CA LYS A 361 13.33 -7.33 -23.09
C LYS A 361 12.70 -8.60 -22.51
N VAL A 362 13.44 -9.70 -22.63
CA VAL A 362 12.99 -10.97 -22.07
C VAL A 362 14.16 -11.59 -21.34
N ALA A 363 14.15 -11.44 -20.03
CA ALA A 363 15.21 -11.97 -19.17
C ALA A 363 14.53 -12.50 -17.90
N GLU A 364 15.09 -12.17 -16.73
CA GLU A 364 14.50 -12.62 -15.47
C GLU A 364 13.06 -12.12 -15.43
N TYR A 365 12.86 -10.95 -16.04
CA TYR A 365 11.55 -10.32 -16.13
C TYR A 365 11.39 -9.89 -17.59
N LYS A 366 10.16 -9.56 -17.97
CA LYS A 366 9.94 -9.11 -19.34
C LYS A 366 9.48 -7.67 -19.31
N VAL A 367 10.00 -6.87 -20.24
CA VAL A 367 9.59 -5.48 -20.32
C VAL A 367 8.73 -5.33 -21.56
N LEU A 368 7.47 -4.93 -21.36
CA LEU A 368 6.54 -4.73 -22.46
C LEU A 368 6.39 -3.25 -22.77
N PHE A 369 6.05 -2.96 -24.03
CA PHE A 369 5.94 -1.58 -24.50
C PHE A 369 4.71 -1.41 -25.38
N ALA A 370 4.09 -0.23 -25.32
CA ALA A 370 2.92 0.08 -26.13
C ALA A 370 2.87 1.57 -26.41
N GLU A 371 2.38 1.93 -27.60
CA GLU A 371 2.28 3.34 -27.98
C GLU A 371 0.82 3.71 -28.12
N LYS A 372 0.44 4.87 -27.59
CA LYS A 372 -0.94 5.32 -27.67
C LYS A 372 -1.30 5.77 -29.09
N ARG A 373 -2.34 5.17 -29.64
CA ARG A 373 -2.80 5.52 -30.97
C ARG A 373 -3.90 6.57 -30.92
N GLY A 374 -3.80 7.58 -31.76
CA GLY A 374 -4.86 8.56 -31.79
C GLY A 374 -5.80 7.96 -32.79
N SAM B . 7.64 1.43 -8.65
CA SAM B . 8.23 0.83 -7.44
C SAM B . 9.49 0.04 -7.82
O SAM B . 10.24 -0.32 -6.89
OXT SAM B . 9.66 -0.18 -9.04
CB SAM B . 7.22 -0.09 -6.77
CG SAM B . 6.93 -1.33 -7.32
SD SAM B . 5.77 -2.41 -6.56
CE SAM B . 5.85 -4.01 -7.37
C5' SAM B . 4.05 -1.93 -6.90
C4' SAM B . 3.62 -0.62 -6.21
O4' SAM B . 2.24 -0.41 -6.49
C3' SAM B . 3.76 -0.74 -4.70
O3' SAM B . 4.36 0.43 -4.16
C2' SAM B . 2.30 -0.83 -4.25
O2' SAM B . 2.17 -0.24 -2.94
C1' SAM B . 1.68 0.11 -5.28
N9 SAM B . 0.20 0.02 -5.30
C8 SAM B . -0.52 -1.03 -4.92
N7 SAM B . -1.82 -0.77 -5.08
C5 SAM B . -1.92 0.46 -5.58
C6 SAM B . -2.99 1.28 -5.94
N6 SAM B . -4.23 0.84 -5.81
N1 SAM B . -2.73 2.49 -6.42
C2 SAM B . -1.50 2.94 -6.54
N3 SAM B . -0.46 2.20 -6.20
C4 SAM B . -0.63 0.96 -5.72
#